data_5X4K
#
_entry.id   5X4K
#
_cell.length_a   58.426
_cell.length_b   66.172
_cell.length_c   59.929
_cell.angle_alpha   90.00
_cell.angle_beta   112.22
_cell.angle_gamma   90.00
#
_symmetry.space_group_name_H-M   'P 1 21 1'
#
loop_
_entity.id
_entity.type
_entity.pdbx_description
1 polymer 'Uncharacterized protein'
2 non-polymer 'ZINC ION'
3 non-polymer "CYTIDINE-5'-MONOPHOSPHATE"
4 water water
#
_entity_poly.entity_id   1
_entity_poly.type   'polypeptide(L)'
_entity_poly.pdbx_seq_one_letter_code
;(MSE)SYYHHHHHHLESTSLYKKAGSH(MSE)DKEGFLNKVREAVDVVKLHIELGHTIRIISHRDADGITSAAILAKALG
REGASFHISIVKQVSEDLLRELKDEDYKIFIFSALGSGSLSLIKEYLKEKTVIILDHHPPENVKLEEKHILVNPVQFGAN
SVRDLSGSGVTYFFARELNEKNRDLAYIAIVGAVGD(MSE)QENDGVFHG(MSE)NLDIIEDGKSLGILEVKKELRLFGR
ETRPLYQ(MSE)LAYATNPEIPEVTGDERKAIEWLKNKGFNPEKKYWELSEEEKKKLHDFLIIH(MSE)IKHGAGKEDID
RLIGDVVISPLYPEGDPRHEAREFATLLNATGRLNLGNLGVAVCLGDEEAFRKALK(MSE)VEDYKREQIEARKWLLQNW
NSEVWEGDHVYVLYVGKSIRDTLVGIAAS(MSE)AINAGLADPEKPVIVFADTDEDPNLLKGSARTTERALAKGYNLGEA
LRKAAELVNGEGGGHAIAAGIRIPRARLAEFRKLIDKILGEQVSKGGDKSES
;
_entity_poly.pdbx_strand_id   A
#
loop_
_chem_comp.id
_chem_comp.type
_chem_comp.name
_chem_comp.formula
C5P non-polymer CYTIDINE-5'-MONOPHOSPHATE 'C9 H14 N3 O8 P'
ZN non-polymer 'ZINC ION' 'Zn 2'
#
# COMPACT_ATOMS: atom_id res chain seq x y z
N SER A 22 -6.88 -16.77 -8.27
CA SER A 22 -6.38 -17.18 -6.96
C SER A 22 -7.47 -17.88 -6.16
N HIS A 23 -7.06 -18.63 -5.13
CA HIS A 23 -8.01 -19.28 -4.23
C HIS A 23 -7.26 -19.70 -2.99
N MSE A 24 -7.68 -19.18 -1.84
CA MSE A 24 -6.97 -19.44 -0.59
C MSE A 24 -7.41 -20.71 0.12
O MSE A 24 -8.59 -21.00 0.24
CB MSE A 24 -7.15 -18.26 0.38
CG MSE A 24 -6.30 -17.06 0.05
SE MSE A 24 -5.94 -16.04 1.67
CE MSE A 24 -4.83 -17.34 2.59
N ASP A 25 -6.41 -21.47 0.59
CA ASP A 25 -6.62 -22.52 1.58
C ASP A 25 -6.62 -21.82 2.94
N LYS A 26 -7.80 -21.35 3.34
CA LYS A 26 -7.89 -20.46 4.50
C LYS A 26 -7.51 -21.17 5.79
N GLU A 27 -7.99 -22.40 5.98
CA GLU A 27 -7.68 -23.11 7.22
C GLU A 27 -6.21 -23.52 7.28
N GLY A 28 -5.63 -23.89 6.14
CA GLY A 28 -4.20 -24.18 6.11
C GLY A 28 -3.38 -22.96 6.46
N PHE A 29 -3.75 -21.80 5.93
CA PHE A 29 -3.09 -20.55 6.31
C PHE A 29 -3.23 -20.29 7.80
N LEU A 30 -4.45 -20.46 8.33
CA LEU A 30 -4.66 -20.20 9.75
C LEU A 30 -3.87 -21.17 10.62
N ASN A 31 -3.68 -22.41 10.17
CA ASN A 31 -2.86 -23.33 10.93
C ASN A 31 -1.40 -22.87 10.98
N LYS A 32 -0.91 -22.29 9.89
CA LYS A 32 0.42 -21.70 9.89
C LYS A 32 0.49 -20.52 10.83
N VAL A 33 -0.55 -19.68 10.83
CA VAL A 33 -0.64 -18.57 11.78
C VAL A 33 -0.55 -19.09 13.21
N ARG A 34 -1.30 -20.16 13.52
CA ARG A 34 -1.28 -20.73 14.86
C ARG A 34 0.10 -21.25 15.24
N GLU A 35 0.85 -21.78 14.26
CA GLU A 35 2.21 -22.22 14.55
C GLU A 35 3.09 -21.06 14.96
N ALA A 36 2.93 -19.90 14.32
CA ALA A 36 3.72 -18.73 14.68
C ALA A 36 3.29 -18.16 16.03
N VAL A 37 1.99 -18.23 16.35
CA VAL A 37 1.53 -17.79 17.66
C VAL A 37 2.19 -18.61 18.75
N ASP A 38 2.30 -19.93 18.54
CA ASP A 38 2.95 -20.78 19.53
C ASP A 38 4.40 -20.38 19.74
N VAL A 39 5.09 -19.99 18.66
CA VAL A 39 6.50 -19.61 18.79
C VAL A 39 6.62 -18.31 19.58
N VAL A 40 5.79 -17.31 19.26
CA VAL A 40 5.89 -16.04 19.96
C VAL A 40 5.52 -16.20 21.43
N LYS A 41 4.62 -17.14 21.74
CA LYS A 41 4.27 -17.36 23.15
C LYS A 41 5.45 -17.89 23.94
N LEU A 42 6.30 -18.72 23.31
CA LEU A 42 7.52 -19.17 23.97
C LEU A 42 8.37 -18.00 24.45
N HIS A 43 8.44 -16.94 23.65
CA HIS A 43 9.26 -15.79 24.02
C HIS A 43 8.55 -14.85 24.99
N ILE A 44 7.23 -14.71 24.86
CA ILE A 44 6.47 -13.92 25.84
C ILE A 44 6.64 -14.50 27.24
N GLU A 45 6.57 -15.83 27.36
CA GLU A 45 6.70 -16.47 28.67
C GLU A 45 8.01 -16.11 29.35
N LEU A 46 9.09 -15.96 28.57
CA LEU A 46 10.41 -15.70 29.11
C LEU A 46 10.68 -14.22 29.32
N GLY A 47 9.72 -13.35 29.02
CA GLY A 47 9.92 -11.93 29.18
C GLY A 47 10.74 -11.28 28.09
N HIS A 48 10.94 -11.96 26.96
CA HIS A 48 11.71 -11.39 25.87
C HIS A 48 10.97 -10.21 25.25
N THR A 49 11.70 -9.12 25.01
CA THR A 49 11.11 -8.01 24.26
C THR A 49 11.02 -8.38 22.78
N ILE A 50 9.84 -8.20 22.21
CA ILE A 50 9.60 -8.55 20.81
C ILE A 50 10.06 -7.38 19.94
N ARG A 51 11.07 -7.62 19.11
CA ARG A 51 11.53 -6.59 18.18
C ARG A 51 10.66 -6.64 16.93
N ILE A 52 10.07 -5.51 16.55
CA ILE A 52 9.11 -5.44 15.45
C ILE A 52 9.67 -4.52 14.37
N ILE A 53 9.71 -5.01 13.14
CA ILE A 53 10.14 -4.27 11.97
C ILE A 53 8.99 -4.29 10.97
N SER A 54 8.49 -3.10 10.61
CA SER A 54 7.27 -3.02 9.80
C SER A 54 7.43 -2.02 8.67
N HIS A 55 6.66 -2.23 7.61
CA HIS A 55 6.80 -1.43 6.39
C HIS A 55 6.32 0.00 6.60
N ARG A 56 6.96 0.93 5.90
CA ARG A 56 6.65 2.36 6.06
C ARG A 56 5.53 2.76 5.09
N ASP A 57 4.33 2.31 5.44
CA ASP A 57 3.10 2.67 4.74
C ASP A 57 1.94 2.34 5.67
N ALA A 58 0.71 2.57 5.20
CA ALA A 58 -0.45 2.26 6.02
C ALA A 58 -0.48 0.79 6.42
N ASP A 59 -0.17 -0.10 5.48
CA ASP A 59 -0.18 -1.54 5.77
C ASP A 59 0.76 -1.87 6.92
N GLY A 60 1.97 -1.33 6.90
CA GLY A 60 2.94 -1.62 7.93
C GLY A 60 2.68 -0.90 9.24
N ILE A 61 2.19 0.33 9.16
CA ILE A 61 1.90 1.09 10.37
C ILE A 61 0.73 0.45 11.13
N THR A 62 -0.33 0.07 10.41
CA THR A 62 -1.43 -0.63 11.06
C THR A 62 -0.98 -1.99 11.57
N SER A 63 -0.10 -2.68 10.81
CA SER A 63 0.44 -3.96 11.27
C SER A 63 1.13 -3.81 12.62
N ALA A 64 1.97 -2.77 12.75
CA ALA A 64 2.71 -2.57 13.98
C ALA A 64 1.76 -2.23 15.14
N ALA A 65 0.73 -1.44 14.87
CA ALA A 65 -0.24 -1.11 15.91
C ALA A 65 -1.00 -2.36 16.35
N ILE A 66 -1.37 -3.22 15.40
CA ILE A 66 -2.05 -4.47 15.75
C ILE A 66 -1.19 -5.31 16.67
N LEU A 67 0.11 -5.42 16.36
CA LEU A 67 1.02 -6.14 17.23
C LEU A 67 1.18 -5.45 18.58
N ALA A 68 1.25 -4.13 18.59
CA ALA A 68 1.38 -3.39 19.85
C ALA A 68 0.18 -3.62 20.76
N LYS A 69 -1.03 -3.58 20.20
CA LYS A 69 -2.22 -3.82 21.00
C LYS A 69 -2.30 -5.28 21.45
N ALA A 70 -2.01 -6.21 20.55
CA ALA A 70 -2.10 -7.63 20.88
C ALA A 70 -1.08 -8.01 21.95
N LEU A 71 0.18 -7.62 21.76
CA LEU A 71 1.20 -7.91 22.75
C LEU A 71 0.92 -7.22 24.08
N GLY A 72 0.36 -6.01 24.02
CA GLY A 72 -0.04 -5.33 25.24
C GLY A 72 -1.10 -6.10 26.02
N ARG A 73 -2.04 -6.72 25.30
CA ARG A 73 -3.04 -7.55 25.96
C ARG A 73 -2.42 -8.73 26.69
N GLU A 74 -1.27 -9.21 26.22
CA GLU A 74 -0.56 -10.28 26.88
C GLU A 74 0.47 -9.79 27.88
N GLY A 75 0.54 -8.48 28.11
CA GLY A 75 1.54 -7.92 29.01
C GLY A 75 2.96 -7.99 28.50
N ALA A 76 3.16 -8.30 27.22
CA ALA A 76 4.50 -8.41 26.66
C ALA A 76 5.03 -7.04 26.25
N SER A 77 6.35 -6.92 26.25
CA SER A 77 7.00 -5.69 25.81
C SER A 77 7.48 -5.84 24.37
N PHE A 78 7.63 -4.71 23.70
CA PHE A 78 7.95 -4.71 22.28
C PHE A 78 8.67 -3.41 21.93
N HIS A 79 9.31 -3.41 20.77
CA HIS A 79 10.06 -2.26 20.29
C HIS A 79 9.95 -2.22 18.77
N ILE A 80 9.33 -1.16 18.25
CA ILE A 80 8.91 -1.09 16.86
C ILE A 80 9.82 -0.15 16.09
N SER A 81 10.22 -0.58 14.88
CA SER A 81 10.83 0.28 13.88
C SER A 81 10.01 0.23 12.61
N ILE A 82 9.81 1.38 11.99
CA ILE A 82 9.08 1.51 10.72
C ILE A 82 10.09 1.83 9.63
N VAL A 83 10.25 0.93 8.66
CA VAL A 83 11.34 1.01 7.71
C VAL A 83 10.83 0.88 6.28
N LYS A 84 11.69 1.26 5.34
CA LYS A 84 11.32 1.23 3.92
C LYS A 84 11.50 -0.15 3.30
N GLN A 85 12.59 -0.84 3.64
CA GLN A 85 12.82 -2.16 3.07
C GLN A 85 13.72 -2.97 3.99
N VAL A 86 13.64 -4.29 3.83
CA VAL A 86 14.49 -5.22 4.59
C VAL A 86 15.77 -5.38 3.77
N SER A 87 16.71 -4.47 3.99
CA SER A 87 17.97 -4.46 3.26
C SER A 87 19.03 -5.26 4.01
N GLU A 88 20.06 -5.67 3.27
CA GLU A 88 21.21 -6.30 3.90
C GLU A 88 21.82 -5.40 4.97
N ASP A 89 21.78 -4.08 4.73
CA ASP A 89 22.31 -3.13 5.70
C ASP A 89 21.46 -3.11 6.96
N LEU A 90 20.13 -3.17 6.81
CA LEU A 90 19.26 -3.24 7.98
C LEU A 90 19.52 -4.52 8.78
N LEU A 91 19.62 -5.64 8.07
CA LEU A 91 19.82 -6.92 8.74
C LEU A 91 21.17 -6.99 9.44
N ARG A 92 22.19 -6.33 8.88
CA ARG A 92 23.46 -6.22 9.59
C ARG A 92 23.28 -5.48 10.92
N GLU A 93 22.43 -4.45 10.92
CA GLU A 93 22.15 -3.71 12.15
C GLU A 93 21.35 -4.57 13.13
N LEU A 94 20.32 -5.24 12.65
CA LEU A 94 19.51 -6.09 13.52
C LEU A 94 20.32 -7.26 14.06
N LYS A 95 21.34 -7.71 13.32
CA LYS A 95 22.16 -8.82 13.76
C LYS A 95 22.86 -8.50 15.08
N ASP A 96 23.27 -7.25 15.27
CA ASP A 96 23.98 -6.83 16.48
C ASP A 96 23.06 -6.47 17.63
N GLU A 97 21.77 -6.28 17.38
CA GLU A 97 20.82 -6.07 18.46
C GLU A 97 20.68 -7.36 19.26
N ASP A 98 20.52 -7.23 20.58
CA ASP A 98 20.47 -8.40 21.45
C ASP A 98 19.06 -8.92 21.68
N TYR A 99 18.09 -8.49 20.88
CA TYR A 99 16.75 -9.08 20.96
C TYR A 99 16.80 -10.55 20.56
N LYS A 100 15.93 -11.34 21.19
CA LYS A 100 15.91 -12.77 20.94
C LYS A 100 14.97 -13.18 19.81
N ILE A 101 14.00 -12.32 19.49
CA ILE A 101 12.99 -12.64 18.48
C ILE A 101 12.65 -11.37 17.72
N PHE A 102 12.55 -11.50 16.40
CA PHE A 102 12.22 -10.40 15.51
C PHE A 102 10.97 -10.76 14.73
N ILE A 103 10.02 -9.84 14.65
CA ILE A 103 8.85 -9.99 13.81
C ILE A 103 8.92 -8.94 12.70
N PHE A 104 8.95 -9.40 11.46
CA PHE A 104 8.81 -8.54 10.30
C PHE A 104 7.35 -8.58 9.85
N SER A 105 6.73 -7.41 9.72
CA SER A 105 5.32 -7.34 9.35
C SER A 105 5.15 -6.44 8.13
N ALA A 106 4.34 -6.90 7.17
CA ALA A 106 4.02 -6.22 5.91
C ALA A 106 5.23 -6.04 5.00
N LEU A 107 6.33 -6.75 5.28
CA LEU A 107 7.49 -6.80 4.41
C LEU A 107 8.33 -8.02 4.79
N GLY A 108 9.32 -8.32 3.96
CA GLY A 108 10.37 -9.26 4.32
C GLY A 108 10.42 -10.53 3.51
N SER A 109 9.32 -10.93 2.85
CA SER A 109 9.29 -12.23 2.19
C SER A 109 10.27 -12.32 1.01
N GLY A 110 10.69 -11.19 0.45
CA GLY A 110 11.69 -11.18 -0.59
C GLY A 110 13.11 -11.17 -0.09
N SER A 111 13.32 -11.27 1.22
CA SER A 111 14.64 -11.18 1.83
C SER A 111 14.93 -12.38 2.71
N LEU A 112 14.33 -13.54 2.39
CA LEU A 112 14.46 -14.71 3.24
C LEU A 112 15.91 -15.20 3.31
N SER A 113 16.61 -15.21 2.18
CA SER A 113 18.00 -15.64 2.17
C SER A 113 18.86 -14.72 3.04
N LEU A 114 18.60 -13.40 2.98
CA LEU A 114 19.35 -12.47 3.80
C LEU A 114 19.00 -12.62 5.28
N ILE A 115 17.71 -12.78 5.59
CA ILE A 115 17.31 -13.02 6.98
C ILE A 115 17.92 -14.32 7.50
N LYS A 116 17.93 -15.36 6.66
CA LYS A 116 18.54 -16.61 7.05
C LYS A 116 20.01 -16.42 7.44
N GLU A 117 20.71 -15.54 6.73
CA GLU A 117 22.13 -15.35 6.96
C GLU A 117 22.40 -14.50 8.20
N TYR A 118 21.76 -13.33 8.30
CA TYR A 118 22.12 -12.37 9.34
C TYR A 118 21.41 -12.64 10.66
N LEU A 119 20.24 -13.28 10.64
CA LEU A 119 19.50 -13.57 11.85
C LEU A 119 19.46 -15.07 12.14
N LYS A 120 20.51 -15.79 11.74
CA LYS A 120 20.51 -17.25 11.82
C LYS A 120 20.31 -17.74 13.25
N GLU A 121 20.91 -17.06 14.22
CA GLU A 121 20.83 -17.49 15.61
C GLU A 121 19.69 -16.82 16.38
N LYS A 122 18.75 -16.20 15.69
CA LYS A 122 17.61 -15.55 16.32
C LYS A 122 16.32 -16.16 15.81
N THR A 123 15.26 -16.06 16.62
CA THR A 123 13.93 -16.45 16.17
C THR A 123 13.33 -15.33 15.33
N VAL A 124 12.76 -15.69 14.19
CA VAL A 124 12.19 -14.70 13.27
C VAL A 124 10.80 -15.16 12.85
N ILE A 125 9.84 -14.23 12.90
CA ILE A 125 8.50 -14.45 12.36
C ILE A 125 8.28 -13.43 11.26
N ILE A 126 7.87 -13.89 10.09
CA ILE A 126 7.55 -13.02 8.96
C ILE A 126 6.05 -13.07 8.75
N LEU A 127 5.37 -11.95 9.03
CA LEU A 127 3.95 -11.79 8.79
C LEU A 127 3.81 -10.86 7.59
N ASP A 128 3.66 -11.44 6.40
CA ASP A 128 3.82 -10.66 5.18
C ASP A 128 3.00 -11.29 4.05
N HIS A 129 2.85 -10.52 2.96
CA HIS A 129 2.05 -10.93 1.81
C HIS A 129 2.78 -10.66 0.49
N HIS A 130 4.07 -10.37 0.52
CA HIS A 130 4.82 -10.23 -0.72
C HIS A 130 5.17 -11.61 -1.27
N PRO A 131 5.32 -11.74 -2.58
CA PRO A 131 5.71 -13.02 -3.18
C PRO A 131 7.00 -13.52 -2.54
N PRO A 132 6.96 -14.70 -1.92
CA PRO A 132 8.11 -15.14 -1.11
C PRO A 132 9.25 -15.66 -1.96
N GLU A 133 10.46 -15.35 -1.51
CA GLU A 133 11.65 -15.95 -2.09
C GLU A 133 11.59 -17.46 -1.91
N ASN A 134 11.93 -18.20 -2.97
CA ASN A 134 11.79 -19.65 -2.97
C ASN A 134 13.06 -20.28 -2.41
N VAL A 135 13.19 -20.21 -1.08
CA VAL A 135 14.31 -20.80 -0.36
C VAL A 135 13.79 -21.48 0.89
N LYS A 136 14.63 -22.35 1.46
CA LYS A 136 14.29 -23.10 2.65
C LYS A 136 14.73 -22.34 3.90
N LEU A 137 13.84 -22.24 4.88
CA LEU A 137 14.13 -21.52 6.12
C LEU A 137 14.50 -22.49 7.23
N GLU A 138 15.31 -22.00 8.17
CA GLU A 138 15.67 -22.78 9.33
C GLU A 138 14.49 -22.90 10.29
N GLU A 139 14.64 -23.79 11.28
CA GLU A 139 13.50 -24.15 12.11
C GLU A 139 12.98 -22.97 12.93
N LYS A 140 13.86 -22.06 13.33
CA LYS A 140 13.47 -20.93 14.17
C LYS A 140 12.98 -19.73 13.37
N HIS A 141 12.93 -19.84 12.04
CA HIS A 141 12.39 -18.78 11.18
C HIS A 141 11.12 -19.29 10.53
N ILE A 142 10.00 -18.63 10.83
CA ILE A 142 8.69 -19.07 10.36
C ILE A 142 8.09 -17.98 9.48
N LEU A 143 7.78 -18.34 8.25
CA LEU A 143 7.14 -17.44 7.30
C LEU A 143 5.63 -17.66 7.35
N VAL A 144 4.88 -16.60 7.60
CA VAL A 144 3.43 -16.63 7.62
C VAL A 144 2.96 -15.75 6.47
N ASN A 145 2.68 -16.37 5.33
CA ASN A 145 2.41 -15.60 4.12
C ASN A 145 1.25 -16.25 3.37
N PRO A 146 0.14 -15.54 3.17
CA PRO A 146 -1.03 -16.14 2.50
C PRO A 146 -0.76 -16.53 1.06
N VAL A 147 0.23 -15.91 0.41
CA VAL A 147 0.56 -16.29 -0.97
C VAL A 147 0.96 -17.75 -1.05
N GLN A 148 1.60 -18.27 0.00
CA GLN A 148 1.98 -19.67 0.02
C GLN A 148 0.78 -20.61 0.14
N PHE A 149 -0.41 -20.07 0.38
CA PHE A 149 -1.63 -20.86 0.47
C PHE A 149 -2.64 -20.48 -0.59
N GLY A 150 -2.18 -19.87 -1.69
CA GLY A 150 -3.01 -19.63 -2.85
C GLY A 150 -3.47 -18.19 -3.04
N ALA A 151 -3.07 -17.28 -2.18
CA ALA A 151 -3.57 -15.92 -2.25
C ALA A 151 -2.92 -15.12 -3.38
N ASN A 152 -3.68 -14.19 -3.93
CA ASN A 152 -3.12 -13.14 -4.76
C ASN A 152 -2.55 -12.06 -3.85
N SER A 153 -1.29 -11.69 -4.07
CA SER A 153 -0.57 -10.89 -3.09
C SER A 153 -1.15 -9.50 -2.89
N VAL A 154 -1.85 -8.95 -3.89
CA VAL A 154 -2.37 -7.60 -3.79
C VAL A 154 -3.89 -7.57 -3.66
N ARG A 155 -4.51 -8.71 -3.40
CA ARG A 155 -5.97 -8.75 -3.42
C ARG A 155 -6.57 -9.51 -2.24
N ASP A 156 -5.98 -10.63 -1.83
CA ASP A 156 -6.65 -11.54 -0.91
C ASP A 156 -6.34 -11.29 0.56
N LEU A 157 -5.27 -10.55 0.86
CA LEU A 157 -4.86 -10.24 2.23
C LEU A 157 -3.60 -9.38 2.18
N SER A 158 -3.53 -8.36 3.04
CA SER A 158 -2.35 -7.51 3.14
C SER A 158 -1.55 -7.88 4.39
N GLY A 159 -0.49 -7.11 4.64
CA GLY A 159 0.32 -7.35 5.83
C GLY A 159 -0.47 -7.14 7.11
N SER A 160 -1.26 -6.06 7.17
CA SER A 160 -2.12 -5.84 8.33
C SER A 160 -3.11 -6.97 8.50
N GLY A 161 -3.57 -7.59 7.41
CA GLY A 161 -4.45 -8.72 7.51
C GLY A 161 -3.78 -9.95 8.10
N VAL A 162 -2.56 -10.24 7.67
CA VAL A 162 -1.80 -11.35 8.26
C VAL A 162 -1.61 -11.11 9.75
N THR A 163 -1.21 -9.88 10.10
CA THR A 163 -1.00 -9.53 11.50
C THR A 163 -2.30 -9.62 12.29
N TYR A 164 -3.43 -9.24 11.67
CA TYR A 164 -4.71 -9.35 12.34
C TYR A 164 -5.03 -10.80 12.71
N PHE A 165 -4.90 -11.72 11.77
CA PHE A 165 -5.20 -13.11 12.07
C PHE A 165 -4.22 -13.68 13.09
N PHE A 166 -2.96 -13.23 13.05
CA PHE A 166 -2.00 -13.57 14.10
C PHE A 166 -2.50 -13.11 15.46
N ALA A 167 -2.92 -11.85 15.55
CA ALA A 167 -3.43 -11.31 16.82
C ALA A 167 -4.70 -12.03 17.24
N ARG A 168 -5.60 -12.30 16.29
CA ARG A 168 -6.86 -12.95 16.63
C ARG A 168 -6.64 -14.35 17.20
N GLU A 169 -5.70 -15.09 16.61
CA GLU A 169 -5.41 -16.43 17.13
C GLU A 169 -4.73 -16.36 18.49
N LEU A 170 -3.92 -15.33 18.72
CA LEU A 170 -3.29 -15.14 20.02
C LEU A 170 -4.32 -14.85 21.11
N ASN A 171 -5.33 -14.05 20.77
CA ASN A 171 -6.35 -13.63 21.74
C ASN A 171 -7.58 -13.19 20.96
N GLU A 172 -8.72 -13.84 21.21
CA GLU A 172 -9.94 -13.54 20.46
C GLU A 172 -10.38 -12.09 20.62
N LYS A 173 -10.01 -11.45 21.74
CA LYS A 173 -10.38 -10.05 21.94
C LYS A 173 -9.77 -9.13 20.89
N ASN A 174 -8.73 -9.58 20.19
CA ASN A 174 -8.09 -8.77 19.16
C ASN A 174 -8.94 -8.62 17.90
N ARG A 175 -10.13 -9.24 17.84
CA ARG A 175 -11.03 -8.97 16.74
C ARG A 175 -11.45 -7.51 16.68
N ASP A 176 -11.27 -6.75 17.77
CA ASP A 176 -11.59 -5.32 17.73
C ASP A 176 -10.56 -4.50 16.97
N LEU A 177 -9.53 -5.15 16.44
CA LEU A 177 -8.59 -4.51 15.53
C LEU A 177 -8.96 -4.72 14.07
N ALA A 178 -10.17 -5.21 13.79
CA ALA A 178 -10.54 -5.56 12.42
C ALA A 178 -10.58 -4.32 11.53
N TYR A 179 -11.03 -3.18 12.07
CA TYR A 179 -11.07 -1.96 11.27
C TYR A 179 -9.66 -1.45 10.96
N ILE A 180 -8.79 -1.42 11.97
CA ILE A 180 -7.40 -1.02 11.75
C ILE A 180 -6.75 -1.91 10.69
N ALA A 181 -7.07 -3.20 10.72
CA ALA A 181 -6.54 -4.11 9.70
C ALA A 181 -7.03 -3.73 8.31
N ILE A 182 -8.32 -3.36 8.19
CA ILE A 182 -8.86 -2.97 6.89
C ILE A 182 -8.27 -1.64 6.43
N VAL A 183 -7.93 -0.74 7.37
CA VAL A 183 -7.25 0.50 6.98
C VAL A 183 -5.96 0.17 6.23
N GLY A 184 -5.19 -0.78 6.74
CA GLY A 184 -3.98 -1.19 6.03
C GLY A 184 -4.28 -1.79 4.68
N ALA A 185 -5.34 -2.58 4.58
CA ALA A 185 -5.70 -3.20 3.31
C ALA A 185 -6.09 -2.16 2.27
N VAL A 186 -6.85 -1.14 2.69
CA VAL A 186 -7.21 -0.07 1.77
C VAL A 186 -5.98 0.74 1.36
N GLY A 187 -5.11 1.05 2.32
CA GLY A 187 -3.85 1.71 1.99
C GLY A 187 -3.03 0.94 0.97
N ASP A 188 -3.08 -0.39 1.03
CA ASP A 188 -2.40 -1.24 0.07
C ASP A 188 -3.19 -1.44 -1.22
N MSE A 189 -4.36 -0.82 -1.33
CA MSE A 189 -5.22 -0.90 -2.51
C MSE A 189 -5.67 -2.33 -2.81
O MSE A 189 -5.76 -2.75 -3.97
CB MSE A 189 -4.51 -0.31 -3.74
CG MSE A 189 -4.11 1.14 -3.55
SE MSE A 189 -3.53 2.00 -5.20
CE MSE A 189 -3.63 0.48 -6.40
N GLN A 190 -6.00 -3.08 -1.75
CA GLN A 190 -6.47 -4.45 -1.93
C GLN A 190 -7.87 -4.50 -2.53
N GLU A 191 -8.60 -3.38 -2.53
CA GLU A 191 -9.91 -3.28 -3.17
C GLU A 191 -9.84 -2.38 -4.40
N ASN A 192 -8.73 -2.46 -5.13
CA ASN A 192 -8.48 -1.51 -6.21
C ASN A 192 -9.49 -1.63 -7.35
N ASP A 193 -10.12 -2.79 -7.51
CA ASP A 193 -11.14 -2.96 -8.53
C ASP A 193 -12.54 -2.62 -8.01
N GLY A 194 -12.65 -2.09 -6.80
CA GLY A 194 -13.92 -1.64 -6.27
C GLY A 194 -14.54 -2.51 -5.20
N VAL A 195 -14.01 -3.73 -4.98
CA VAL A 195 -14.56 -4.65 -3.99
C VAL A 195 -13.41 -5.32 -3.26
N PHE A 196 -13.72 -5.84 -2.07
CA PHE A 196 -12.76 -6.60 -1.30
C PHE A 196 -12.79 -8.07 -1.72
N HIS A 197 -11.67 -8.76 -1.47
CA HIS A 197 -11.48 -10.13 -1.91
C HIS A 197 -10.85 -10.96 -0.81
N GLY A 198 -10.92 -12.27 -0.97
CA GLY A 198 -10.17 -13.19 -0.13
C GLY A 198 -10.52 -13.05 1.34
N MSE A 199 -9.49 -13.15 2.18
CA MSE A 199 -9.72 -13.16 3.62
C MSE A 199 -9.94 -11.77 4.19
O MSE A 199 -10.29 -11.63 5.35
CB MSE A 199 -8.55 -13.86 4.34
CG MSE A 199 -8.51 -15.34 4.01
SE MSE A 199 -7.23 -16.38 5.02
CE MSE A 199 -8.07 -16.32 6.78
N ASN A 200 -9.75 -10.73 3.35
CA ASN A 200 -10.22 -9.40 3.75
C ASN A 200 -11.70 -9.43 4.05
N LEU A 201 -12.47 -10.27 3.33
CA LEU A 201 -13.89 -10.38 3.59
C LEU A 201 -14.18 -11.01 4.95
N ASP A 202 -13.28 -11.88 5.43
CA ASP A 202 -13.46 -12.45 6.76
C ASP A 202 -13.15 -11.44 7.86
N ILE A 203 -12.13 -10.60 7.64
CA ILE A 203 -11.87 -9.51 8.59
C ILE A 203 -13.07 -8.57 8.64
N ILE A 204 -13.64 -8.27 7.49
CA ILE A 204 -14.82 -7.40 7.44
C ILE A 204 -15.96 -8.02 8.23
N GLU A 205 -16.16 -9.33 8.11
CA GLU A 205 -17.24 -9.97 8.86
C GLU A 205 -16.99 -9.91 10.35
N ASP A 206 -15.73 -10.07 10.78
CA ASP A 206 -15.40 -9.91 12.19
C ASP A 206 -15.74 -8.50 12.66
N GLY A 207 -15.35 -7.49 11.89
CA GLY A 207 -15.62 -6.11 12.29
C GLY A 207 -17.10 -5.81 12.33
N LYS A 208 -17.86 -6.36 11.38
CA LYS A 208 -19.31 -6.16 11.37
C LYS A 208 -19.96 -6.77 12.60
N SER A 209 -19.50 -7.97 13.01
CA SER A 209 -20.07 -8.63 14.18
C SER A 209 -19.87 -7.81 15.44
N LEU A 210 -18.75 -7.10 15.54
CA LEU A 210 -18.50 -6.23 16.69
C LEU A 210 -19.12 -4.86 16.52
N GLY A 211 -19.64 -4.54 15.33
CA GLY A 211 -20.21 -3.24 15.10
C GLY A 211 -19.20 -2.11 14.97
N ILE A 212 -17.95 -2.43 14.62
CA ILE A 212 -16.90 -1.41 14.56
C ILE A 212 -16.58 -1.01 13.13
N LEU A 213 -17.22 -1.61 12.13
CA LEU A 213 -17.07 -1.14 10.76
C LEU A 213 -18.32 -1.49 9.96
N GLU A 214 -18.56 -0.71 8.92
CA GLU A 214 -19.65 -0.91 7.97
C GLU A 214 -19.10 -0.75 6.56
N VAL A 215 -19.60 -1.55 5.63
CA VAL A 215 -19.20 -1.44 4.23
C VAL A 215 -20.33 -0.77 3.47
N LYS A 216 -20.01 0.34 2.81
CA LYS A 216 -20.97 1.08 2.01
C LYS A 216 -20.56 1.01 0.54
N LYS A 217 -21.55 1.10 -0.34
CA LYS A 217 -21.30 1.23 -1.78
C LYS A 217 -21.30 2.72 -2.09
N GLU A 218 -20.12 3.30 -2.26
CA GLU A 218 -19.98 4.75 -2.33
C GLU A 218 -18.88 5.11 -3.33
N LEU A 219 -18.72 6.42 -3.52
CA LEU A 219 -17.64 6.97 -4.32
C LEU A 219 -16.30 6.67 -3.64
N ARG A 220 -15.46 5.91 -4.33
CA ARG A 220 -14.19 5.40 -3.79
C ARG A 220 -13.05 6.39 -3.93
N LEU A 221 -13.26 7.66 -3.62
CA LEU A 221 -12.24 8.69 -3.77
C LEU A 221 -11.82 9.19 -2.41
N PHE A 222 -10.57 9.64 -2.32
CA PHE A 222 -10.11 10.27 -1.08
C PHE A 222 -10.89 11.55 -0.81
N GLY A 223 -11.28 11.72 0.45
CA GLY A 223 -11.86 12.98 0.88
C GLY A 223 -13.28 12.91 1.39
N ARG A 224 -13.76 11.69 1.66
CA ARG A 224 -15.14 11.52 2.12
C ARG A 224 -15.42 12.32 3.39
N GLU A 225 -14.44 12.38 4.30
CA GLU A 225 -14.64 12.95 5.62
C GLU A 225 -14.17 14.40 5.74
N THR A 226 -13.02 14.75 5.16
CA THR A 226 -12.34 15.98 5.48
C THR A 226 -12.23 16.98 4.34
N ARG A 227 -12.61 16.61 3.12
CA ARG A 227 -12.40 17.50 2.00
C ARG A 227 -13.72 17.96 1.41
N PRO A 228 -13.78 19.20 0.92
CA PRO A 228 -14.95 19.62 0.14
C PRO A 228 -15.06 18.77 -1.13
N LEU A 229 -16.29 18.65 -1.63
CA LEU A 229 -16.55 17.80 -2.80
C LEU A 229 -15.67 18.19 -3.99
N TYR A 230 -15.42 19.48 -4.19
CA TYR A 230 -14.63 19.86 -5.36
C TYR A 230 -13.19 19.38 -5.24
N GLN A 231 -12.68 19.23 -4.01
CA GLN A 231 -11.34 18.67 -3.84
C GLN A 231 -11.36 17.15 -3.95
N MSE A 232 -12.44 16.51 -3.53
CA MSE A 232 -12.58 15.07 -3.71
C MSE A 232 -12.49 14.74 -5.20
O MSE A 232 -11.80 13.80 -5.60
CB MSE A 232 -13.89 14.57 -3.11
CG MSE A 232 -14.05 13.07 -3.11
SE MSE A 232 -15.74 12.54 -2.32
CE MSE A 232 -15.46 10.62 -2.18
N LEU A 233 -13.17 15.55 -6.03
CA LEU A 233 -13.12 15.31 -7.47
C LEU A 233 -11.78 15.71 -8.06
N ALA A 234 -11.23 16.85 -7.66
CA ALA A 234 -9.99 17.33 -8.25
C ALA A 234 -8.80 16.47 -7.85
N TYR A 235 -8.84 15.84 -6.68
CA TYR A 235 -7.78 14.94 -6.25
C TYR A 235 -7.87 13.55 -6.88
N ALA A 236 -8.93 13.25 -7.63
CA ALA A 236 -9.16 11.90 -8.11
C ALA A 236 -8.13 11.53 -9.17
N THR A 237 -7.23 10.60 -8.83
CA THR A 237 -6.25 10.10 -9.78
C THR A 237 -6.28 8.58 -9.91
N ASN A 238 -7.27 7.91 -9.31
CA ASN A 238 -7.33 6.46 -9.32
C ASN A 238 -8.74 5.98 -9.05
N PRO A 239 -9.65 6.15 -10.04
CA PRO A 239 -9.41 6.69 -11.38
C PRO A 239 -9.53 8.21 -11.47
N GLU A 240 -9.01 8.77 -12.56
CA GLU A 240 -9.23 10.18 -12.84
C GLU A 240 -10.66 10.43 -13.30
N ILE A 241 -11.14 11.64 -13.04
CA ILE A 241 -12.40 12.12 -13.59
C ILE A 241 -12.06 13.08 -14.72
N PRO A 242 -12.40 12.76 -15.97
CA PRO A 242 -11.92 13.55 -17.11
C PRO A 242 -12.26 15.03 -16.97
N GLU A 243 -11.28 15.88 -17.31
CA GLU A 243 -11.40 17.34 -17.33
C GLU A 243 -11.44 17.96 -15.95
N VAL A 244 -11.73 17.17 -14.92
CA VAL A 244 -11.93 17.68 -13.57
C VAL A 244 -10.70 17.43 -12.69
N THR A 245 -10.06 16.28 -12.85
CA THR A 245 -8.85 15.98 -12.11
C THR A 245 -7.82 17.10 -12.28
N GLY A 246 -7.28 17.57 -11.16
CA GLY A 246 -6.26 18.60 -11.16
C GLY A 246 -6.75 20.02 -11.33
N ASP A 247 -8.07 20.25 -11.43
CA ASP A 247 -8.62 21.57 -11.67
C ASP A 247 -9.79 21.80 -10.70
N GLU A 248 -9.49 22.43 -9.57
CA GLU A 248 -10.51 22.67 -8.56
C GLU A 248 -11.60 23.62 -9.08
N ARG A 249 -11.22 24.60 -9.90
CA ARG A 249 -12.20 25.53 -10.43
C ARG A 249 -13.21 24.83 -11.33
N LYS A 250 -12.75 23.91 -12.19
CA LYS A 250 -13.68 23.17 -13.04
C LYS A 250 -14.51 22.20 -12.21
N ALA A 251 -13.91 21.59 -11.18
CA ALA A 251 -14.67 20.73 -10.28
C ALA A 251 -15.82 21.50 -9.64
N ILE A 252 -15.56 22.75 -9.24
CA ILE A 252 -16.61 23.59 -8.66
C ILE A 252 -17.70 23.84 -9.68
N GLU A 253 -17.32 24.20 -10.91
CA GLU A 253 -18.32 24.49 -11.94
C GLU A 253 -19.18 23.27 -12.24
N TRP A 254 -18.55 22.10 -12.36
CA TRP A 254 -19.30 20.89 -12.68
C TRP A 254 -20.28 20.54 -11.56
N LEU A 255 -19.82 20.60 -10.30
CA LEU A 255 -20.68 20.27 -9.17
C LEU A 255 -21.87 21.22 -9.09
N LYS A 256 -21.64 22.52 -9.17
CA LYS A 256 -22.74 23.48 -9.15
C LYS A 256 -23.71 23.24 -10.29
N ASN A 257 -23.20 22.95 -11.48
CA ASN A 257 -24.05 22.72 -12.63
C ASN A 257 -24.92 21.48 -12.46
N LYS A 258 -24.44 20.48 -11.72
CA LYS A 258 -25.22 19.30 -11.39
C LYS A 258 -26.06 19.47 -10.13
N GLY A 259 -26.00 20.63 -9.48
CA GLY A 259 -26.87 20.93 -8.36
C GLY A 259 -26.29 20.65 -6.98
N PHE A 260 -24.98 20.51 -6.85
CA PHE A 260 -24.34 20.21 -5.59
C PHE A 260 -23.60 21.42 -5.05
N ASN A 261 -23.76 21.67 -3.76
CA ASN A 261 -22.92 22.64 -3.06
C ASN A 261 -21.49 22.12 -3.09
N PRO A 262 -20.57 22.76 -3.83
CA PRO A 262 -19.22 22.20 -3.95
C PRO A 262 -18.41 22.25 -2.67
N GLU A 263 -18.80 23.09 -1.70
CA GLU A 263 -18.12 23.18 -0.42
C GLU A 263 -18.56 22.11 0.57
N LYS A 264 -19.69 21.46 0.32
CA LYS A 264 -20.14 20.38 1.19
C LYS A 264 -19.18 19.20 1.11
N LYS A 265 -19.06 18.49 2.22
CA LYS A 265 -18.27 17.26 2.23
C LYS A 265 -19.17 16.09 1.85
N TYR A 266 -18.56 15.06 1.25
CA TYR A 266 -19.34 13.93 0.74
C TYR A 266 -20.17 13.30 1.85
N TRP A 267 -19.63 13.20 3.07
CA TRP A 267 -20.37 12.57 4.15
C TRP A 267 -21.61 13.36 4.53
N GLU A 268 -21.69 14.64 4.15
CA GLU A 268 -22.85 15.46 4.47
C GLU A 268 -23.99 15.30 3.49
N LEU A 269 -23.77 14.58 2.39
CA LEU A 269 -24.84 14.33 1.41
C LEU A 269 -25.79 13.26 1.91
N SER A 270 -27.08 13.43 1.61
CA SER A 270 -28.02 12.35 1.81
C SER A 270 -27.68 11.18 0.90
N GLU A 271 -28.22 10.00 1.22
CA GLU A 271 -27.99 8.85 0.36
C GLU A 271 -28.59 9.07 -1.01
N GLU A 272 -29.68 9.83 -1.09
CA GLU A 272 -30.26 10.21 -2.37
C GLU A 272 -29.32 11.12 -3.16
N GLU A 273 -28.72 12.10 -2.49
CA GLU A 273 -27.79 13.00 -3.18
C GLU A 273 -26.53 12.26 -3.62
N LYS A 274 -26.04 11.32 -2.81
CA LYS A 274 -24.89 10.53 -3.21
C LYS A 274 -25.17 9.75 -4.49
N LYS A 275 -26.31 9.06 -4.55
CA LYS A 275 -26.62 8.25 -5.72
C LYS A 275 -26.78 9.12 -6.96
N LYS A 276 -27.33 10.33 -6.80
CA LYS A 276 -27.41 11.26 -7.91
C LYS A 276 -26.02 11.66 -8.39
N LEU A 277 -25.11 11.92 -7.45
CA LEU A 277 -23.72 12.24 -7.82
C LEU A 277 -23.06 11.07 -8.53
N HIS A 278 -23.29 9.85 -8.05
CA HIS A 278 -22.70 8.67 -8.68
C HIS A 278 -23.14 8.55 -10.13
N ASP A 279 -24.45 8.70 -10.39
CA ASP A 279 -24.95 8.63 -11.76
C ASP A 279 -24.31 9.69 -12.64
N PHE A 280 -24.26 10.93 -12.15
CA PHE A 280 -23.67 12.02 -12.93
C PHE A 280 -22.21 11.74 -13.26
N LEU A 281 -21.46 11.19 -12.30
CA LEU A 281 -20.05 10.89 -12.52
C LEU A 281 -19.88 9.75 -13.52
N ILE A 282 -20.69 8.70 -13.41
CA ILE A 282 -20.60 7.59 -14.35
C ILE A 282 -20.92 8.04 -15.76
N ILE A 283 -21.99 8.82 -15.92
CA ILE A 283 -22.34 9.36 -17.23
C ILE A 283 -21.23 10.26 -17.75
N HIS A 284 -20.63 11.06 -16.86
CA HIS A 284 -19.53 11.93 -17.25
C HIS A 284 -18.36 11.13 -17.80
N MSE A 285 -17.98 10.05 -17.11
N MSE A 285 -17.97 10.06 -17.09
CA MSE A 285 -16.85 9.25 -17.55
CA MSE A 285 -16.89 9.18 -17.49
C MSE A 285 -17.13 8.54 -18.87
C MSE A 285 -17.15 8.59 -18.88
O MSE A 285 -16.23 8.43 -19.72
O MSE A 285 -16.28 8.60 -19.75
CB MSE A 285 -16.49 8.22 -16.46
CB MSE A 285 -16.72 8.04 -16.48
CG MSE A 285 -16.02 8.86 -15.17
CG MSE A 285 -16.36 8.48 -15.08
SE MSE A 285 -15.63 7.57 -13.80
SE MSE A 285 -14.48 8.86 -14.84
CE MSE A 285 -14.03 6.80 -14.57
CE MSE A 285 -14.00 7.34 -13.72
N ILE A 286 -18.36 8.08 -19.06
CA ILE A 286 -18.71 7.43 -20.32
C ILE A 286 -18.70 8.43 -21.46
N LYS A 287 -19.28 9.61 -21.24
CA LYS A 287 -19.32 10.62 -22.30
C LYS A 287 -17.93 11.08 -22.69
N HIS A 288 -16.97 11.04 -21.76
CA HIS A 288 -15.59 11.40 -22.04
C HIS A 288 -14.72 10.17 -22.34
N GLY A 289 -15.34 9.01 -22.56
CA GLY A 289 -14.62 7.86 -23.09
C GLY A 289 -13.72 7.14 -22.11
N ALA A 290 -13.96 7.27 -20.81
CA ALA A 290 -13.17 6.54 -19.84
C ALA A 290 -13.38 5.03 -20.01
N GLY A 291 -12.36 4.26 -19.62
CA GLY A 291 -12.42 2.82 -19.79
C GLY A 291 -13.29 2.14 -18.75
N LYS A 292 -13.71 0.91 -19.10
CA LYS A 292 -14.62 0.16 -18.23
C LYS A 292 -13.99 -0.14 -16.88
N GLU A 293 -12.70 -0.48 -16.87
CA GLU A 293 -12.03 -0.77 -15.60
C GLU A 293 -12.08 0.44 -14.66
N ASP A 294 -11.86 1.64 -15.19
CA ASP A 294 -11.87 2.83 -14.35
C ASP A 294 -13.27 3.16 -13.86
N ILE A 295 -14.28 2.98 -14.72
CA ILE A 295 -15.65 3.23 -14.30
C ILE A 295 -16.07 2.26 -13.21
N ASP A 296 -15.63 0.99 -13.31
CA ASP A 296 -16.09 -0.03 -12.38
C ASP A 296 -15.54 0.17 -10.98
N ARG A 297 -14.39 0.82 -10.85
CA ARG A 297 -13.80 1.07 -9.53
C ARG A 297 -14.07 2.48 -9.03
N LEU A 298 -14.94 3.23 -9.70
CA LEU A 298 -15.33 4.54 -9.18
C LEU A 298 -16.26 4.39 -7.99
N ILE A 299 -17.26 3.50 -8.10
CA ILE A 299 -18.22 3.23 -7.04
C ILE A 299 -17.99 1.81 -6.54
N GLY A 300 -17.92 1.65 -5.22
CA GLY A 300 -17.71 0.32 -4.67
C GLY A 300 -17.58 0.36 -3.16
N ASP A 301 -16.90 -0.65 -2.63
CA ASP A 301 -16.79 -0.83 -1.18
C ASP A 301 -16.03 0.34 -0.57
N VAL A 302 -16.68 1.00 0.39
CA VAL A 302 -16.04 1.99 1.24
C VAL A 302 -16.32 1.60 2.68
N VAL A 303 -15.26 1.54 3.49
CA VAL A 303 -15.37 1.04 4.87
C VAL A 303 -15.31 2.24 5.82
N ILE A 304 -16.34 2.38 6.64
CA ILE A 304 -16.38 3.40 7.67
C ILE A 304 -16.46 2.72 9.04
N SER A 305 -16.20 3.50 10.08
CA SER A 305 -16.18 2.99 11.45
C SER A 305 -16.96 3.91 12.38
N PRO A 306 -18.03 3.42 13.01
CA PRO A 306 -18.74 4.24 14.00
C PRO A 306 -17.94 4.53 15.27
N LEU A 307 -16.71 4.01 15.38
CA LEU A 307 -15.88 4.33 16.53
C LEU A 307 -15.39 5.77 16.52
N TYR A 308 -15.46 6.43 15.38
CA TYR A 308 -14.98 7.80 15.21
C TYR A 308 -16.11 8.67 14.68
N PRO A 309 -16.06 9.98 14.93
CA PRO A 309 -17.11 10.86 14.42
C PRO A 309 -16.97 11.10 12.93
N GLU A 310 -18.11 11.34 12.28
CA GLU A 310 -18.09 11.74 10.89
C GLU A 310 -17.37 13.08 10.75
N GLY A 311 -16.61 13.23 9.66
CA GLY A 311 -15.77 14.39 9.48
C GLY A 311 -14.37 14.23 10.02
N ASP A 312 -14.14 13.22 10.85
CA ASP A 312 -12.83 12.78 11.31
C ASP A 312 -12.25 11.82 10.28
N PRO A 313 -11.01 12.01 9.83
CA PRO A 313 -10.46 11.11 8.80
C PRO A 313 -10.41 9.66 9.23
N ARG A 314 -10.34 9.39 10.55
CA ARG A 314 -10.34 8.02 11.03
C ARG A 314 -11.69 7.34 10.83
N HIS A 315 -12.74 8.10 10.51
CA HIS A 315 -14.05 7.50 10.27
C HIS A 315 -14.10 6.68 8.98
N GLU A 316 -13.14 6.86 8.08
CA GLU A 316 -13.17 6.15 6.80
C GLU A 316 -11.77 5.62 6.48
N ALA A 317 -11.73 4.41 5.93
CA ALA A 317 -10.48 3.65 5.85
C ALA A 317 -9.44 4.33 4.94
N ARG A 318 -9.88 4.89 3.81
CA ARG A 318 -8.93 5.51 2.90
C ARG A 318 -8.37 6.81 3.48
N GLU A 319 -9.22 7.62 4.11
CA GLU A 319 -8.73 8.81 4.79
C GLU A 319 -7.78 8.45 5.92
N PHE A 320 -8.13 7.41 6.69
CA PHE A 320 -7.25 6.93 7.76
C PHE A 320 -5.91 6.48 7.19
N ALA A 321 -5.95 5.67 6.11
CA ALA A 321 -4.71 5.20 5.50
C ALA A 321 -3.86 6.36 4.99
N THR A 322 -4.50 7.37 4.40
CA THR A 322 -3.77 8.54 3.91
C THR A 322 -3.12 9.30 5.06
N LEU A 323 -3.85 9.46 6.17
CA LEU A 323 -3.27 10.07 7.36
C LEU A 323 -2.01 9.33 7.80
N LEU A 324 -2.06 7.99 7.81
CA LEU A 324 -0.89 7.22 8.22
C LEU A 324 0.24 7.33 7.20
N ASN A 325 -0.11 7.31 5.91
CA ASN A 325 0.91 7.48 4.88
C ASN A 325 1.60 8.83 5.01
N ALA A 326 0.85 9.85 5.44
CA ALA A 326 1.45 11.17 5.63
C ALA A 326 2.50 11.16 6.73
N THR A 327 2.26 10.40 7.81
CA THR A 327 3.29 10.29 8.84
C THR A 327 4.49 9.52 8.33
N GLY A 328 4.26 8.49 7.52
CA GLY A 328 5.38 7.73 6.97
C GLY A 328 6.24 8.56 6.04
N ARG A 329 5.62 9.41 5.23
CA ARG A 329 6.36 10.23 4.27
C ARG A 329 7.38 11.12 4.97
N LEU A 330 7.06 11.62 6.17
CA LEU A 330 7.98 12.44 6.95
C LEU A 330 8.85 11.61 7.87
N ASN A 331 8.93 10.29 7.65
CA ASN A 331 9.69 9.38 8.51
C ASN A 331 9.26 9.50 9.97
N LEU A 332 7.95 9.62 10.17
CA LEU A 332 7.33 9.64 11.49
C LEU A 332 6.31 8.53 11.62
N GLY A 333 6.66 7.35 11.10
CA GLY A 333 5.74 6.22 11.14
C GLY A 333 5.38 5.79 12.54
N ASN A 334 6.30 5.95 13.49
CA ASN A 334 5.99 5.64 14.89
C ASN A 334 4.85 6.51 15.41
N LEU A 335 4.77 7.75 14.94
CA LEU A 335 3.62 8.59 15.28
C LEU A 335 2.34 8.03 14.69
N GLY A 336 2.41 7.49 13.46
CA GLY A 336 1.24 6.84 12.89
C GLY A 336 0.76 5.67 13.72
N VAL A 337 1.70 4.88 14.26
CA VAL A 337 1.33 3.76 15.13
C VAL A 337 0.56 4.28 16.34
N ALA A 338 1.04 5.37 16.95
CA ALA A 338 0.36 5.93 18.10
C ALA A 338 -1.03 6.41 17.75
N VAL A 339 -1.22 6.94 16.54
CA VAL A 339 -2.55 7.36 16.11
C VAL A 339 -3.50 6.16 16.11
N CYS A 340 -3.06 5.03 15.53
CA CYS A 340 -3.89 3.84 15.50
C CYS A 340 -4.26 3.37 16.91
N LEU A 341 -3.37 3.58 17.88
CA LEU A 341 -3.57 3.10 19.24
C LEU A 341 -4.38 4.06 20.10
N GLY A 342 -4.86 5.16 19.53
CA GLY A 342 -5.71 6.09 20.24
C GLY A 342 -5.03 7.28 20.90
N ASP A 343 -3.78 7.57 20.54
CA ASP A 343 -3.09 8.74 21.08
C ASP A 343 -3.63 9.98 20.37
N GLU A 344 -4.41 10.78 21.09
CA GLU A 344 -5.05 11.92 20.45
C GLU A 344 -4.06 13.05 20.17
N GLU A 345 -2.98 13.14 20.94
CA GLU A 345 -1.97 14.15 20.65
C GLU A 345 -1.20 13.79 19.38
N ALA A 346 -0.91 12.51 19.19
CA ALA A 346 -0.31 12.07 17.93
C ALA A 346 -1.26 12.33 16.76
N PHE A 347 -2.57 12.16 16.99
CA PHE A 347 -3.55 12.41 15.94
C PHE A 347 -3.53 13.88 15.52
N ARG A 348 -3.50 14.79 16.49
CA ARG A 348 -3.50 16.20 16.17
C ARG A 348 -2.27 16.59 15.36
N LYS A 349 -1.12 16.01 15.67
CA LYS A 349 0.08 16.26 14.88
C LYS A 349 -0.04 15.69 13.48
N ALA A 350 -0.56 14.47 13.36
CA ALA A 350 -0.67 13.82 12.06
C ALA A 350 -1.61 14.56 11.12
N LEU A 351 -2.66 15.18 11.67
CA LEU A 351 -3.55 15.99 10.85
C LEU A 351 -2.80 17.09 10.11
N LYS A 352 -1.75 17.62 10.71
CA LYS A 352 -0.99 18.72 10.13
C LYS A 352 -0.05 18.28 9.01
N MSE A 353 -0.06 17.01 8.63
CA MSE A 353 0.87 16.48 7.64
C MSE A 353 0.21 16.09 6.31
O MSE A 353 0.90 15.82 5.33
CB MSE A 353 1.60 15.27 8.20
CG MSE A 353 2.22 15.49 9.54
SE MSE A 353 3.03 13.88 10.28
CE MSE A 353 3.53 14.64 12.00
N VAL A 354 -1.12 16.06 6.30
CA VAL A 354 -1.82 15.54 5.13
C VAL A 354 -1.85 16.53 3.98
N GLU A 355 -1.93 17.84 4.28
CA GLU A 355 -2.09 18.83 3.22
C GLU A 355 -0.88 18.83 2.29
N ASP A 356 0.34 18.90 2.86
CA ASP A 356 1.53 18.87 2.03
C ASP A 356 1.64 17.57 1.26
N TYR A 357 1.21 16.47 1.88
CA TYR A 357 1.24 15.15 1.24
C TYR A 357 0.42 15.14 -0.04
N LYS A 358 -0.83 15.64 0.02
CA LYS A 358 -1.67 15.64 -1.18
C LYS A 358 -1.20 16.66 -2.21
N ARG A 359 -0.76 17.84 -1.74
CA ARG A 359 -0.32 18.87 -2.68
C ARG A 359 0.86 18.40 -3.52
N GLU A 360 1.79 17.68 -2.90
CA GLU A 360 2.97 17.23 -3.64
C GLU A 360 2.60 16.20 -4.70
N GLN A 361 1.57 15.39 -4.45
CA GLN A 361 1.14 14.42 -5.44
C GLN A 361 0.56 15.10 -6.68
N ILE A 362 -0.24 16.13 -6.48
CA ILE A 362 -0.81 16.85 -7.62
C ILE A 362 0.29 17.56 -8.41
N GLU A 363 1.27 18.14 -7.70
CA GLU A 363 2.39 18.77 -8.39
C GLU A 363 3.19 17.75 -9.20
N ALA A 364 3.35 16.53 -8.67
CA ALA A 364 4.01 15.48 -9.43
C ALA A 364 3.25 15.14 -10.69
N ARG A 365 1.92 15.09 -10.61
CA ARG A 365 1.12 14.81 -11.81
C ARG A 365 1.27 15.93 -12.84
N LYS A 366 1.32 17.19 -12.38
CA LYS A 366 1.51 18.29 -13.31
C LYS A 366 2.86 18.19 -14.01
N TRP A 367 3.91 17.81 -13.27
CA TRP A 367 5.21 17.63 -13.90
C TRP A 367 5.17 16.52 -14.95
N LEU A 368 4.50 15.40 -14.63
CA LEU A 368 4.40 14.29 -15.57
C LEU A 368 3.73 14.72 -16.86
N LEU A 369 2.58 15.40 -16.76
CA LEU A 369 1.86 15.82 -17.95
C LEU A 369 2.71 16.75 -18.82
N GLN A 370 3.53 17.58 -18.19
CA GLN A 370 4.36 18.52 -18.93
C GLN A 370 5.60 17.87 -19.54
N ASN A 371 6.17 16.87 -18.88
CA ASN A 371 7.49 16.38 -19.25
C ASN A 371 7.52 14.94 -19.78
N TRP A 372 6.40 14.22 -19.73
CA TRP A 372 6.39 12.81 -20.14
C TRP A 372 6.88 12.63 -21.57
N ASN A 373 6.30 13.38 -22.51
CA ASN A 373 6.61 13.17 -23.92
C ASN A 373 8.09 13.43 -24.22
N SER A 374 8.68 14.42 -23.57
CA SER A 374 10.05 14.80 -23.87
C SER A 374 11.08 13.94 -23.14
N GLU A 375 10.70 13.28 -22.05
CA GLU A 375 11.67 12.60 -21.20
C GLU A 375 11.56 11.09 -21.20
N VAL A 376 10.38 10.52 -21.44
CA VAL A 376 10.19 9.09 -21.24
C VAL A 376 10.97 8.30 -22.28
N TRP A 377 11.50 7.15 -21.86
CA TRP A 377 12.12 6.17 -22.73
C TRP A 377 11.13 5.02 -22.91
N GLU A 378 10.72 4.77 -24.16
CA GLU A 378 9.73 3.73 -24.43
C GLU A 378 10.40 2.58 -25.17
N GLY A 379 10.49 1.43 -24.50
CA GLY A 379 10.94 0.21 -25.12
C GLY A 379 9.78 -0.60 -25.67
N ASP A 380 10.07 -1.85 -26.00
CA ASP A 380 9.03 -2.73 -26.52
C ASP A 380 8.06 -3.16 -25.43
N HIS A 381 8.51 -3.21 -24.18
CA HIS A 381 7.71 -3.77 -23.10
C HIS A 381 7.67 -2.89 -21.86
N VAL A 382 8.16 -1.65 -21.91
CA VAL A 382 8.29 -0.85 -20.70
C VAL A 382 8.44 0.61 -21.07
N TYR A 383 7.95 1.49 -20.19
CA TYR A 383 8.33 2.88 -20.15
C TYR A 383 9.30 3.07 -18.98
N VAL A 384 10.38 3.81 -19.20
CA VAL A 384 11.30 4.17 -18.14
C VAL A 384 11.47 5.68 -18.14
N LEU A 385 11.07 6.32 -17.04
CA LEU A 385 11.11 7.77 -16.91
C LEU A 385 12.05 8.14 -15.77
N TYR A 386 13.07 8.92 -16.08
CA TYR A 386 14.00 9.43 -15.08
C TYR A 386 13.66 10.90 -14.85
N VAL A 387 13.18 11.22 -13.65
CA VAL A 387 12.70 12.56 -13.34
C VAL A 387 13.78 13.43 -12.68
N GLY A 388 14.98 12.92 -12.50
CA GLY A 388 16.02 13.68 -11.83
C GLY A 388 15.62 13.93 -10.39
N LYS A 389 15.55 15.21 -10.02
CA LYS A 389 15.13 15.62 -8.69
C LYS A 389 13.76 16.30 -8.68
N SER A 390 13.02 16.20 -9.78
CA SER A 390 11.75 16.91 -9.91
C SER A 390 10.63 16.24 -9.12
N ILE A 391 10.75 14.95 -8.83
CA ILE A 391 9.77 14.25 -8.01
C ILE A 391 10.52 13.52 -6.90
N ARG A 392 9.99 13.62 -5.68
CA ARG A 392 10.59 12.99 -4.51
C ARG A 392 10.75 11.49 -4.70
N ASP A 393 11.84 10.94 -4.17
CA ASP A 393 12.12 9.51 -4.35
C ASP A 393 10.98 8.63 -3.82
N THR A 394 10.34 9.05 -2.73
CA THR A 394 9.25 8.25 -2.19
C THR A 394 7.94 8.41 -2.95
N LEU A 395 7.90 9.26 -3.98
CA LEU A 395 6.70 9.46 -4.78
C LEU A 395 6.78 8.87 -6.17
N VAL A 396 7.87 8.21 -6.53
CA VAL A 396 8.00 7.71 -7.90
C VAL A 396 6.99 6.61 -8.18
N GLY A 397 6.57 5.86 -7.15
CA GLY A 397 5.57 4.83 -7.35
C GLY A 397 4.20 5.41 -7.67
N ILE A 398 3.79 6.42 -6.89
CA ILE A 398 2.56 7.14 -7.21
C ILE A 398 2.65 7.75 -8.60
N ALA A 399 3.82 8.30 -8.95
CA ALA A 399 4.00 8.91 -10.26
C ALA A 399 3.81 7.88 -11.38
N ALA A 400 4.39 6.70 -11.23
CA ALA A 400 4.21 5.65 -12.24
C ALA A 400 2.73 5.30 -12.41
N SER A 401 2.01 5.15 -11.30
N SER A 401 2.01 5.16 -11.30
CA SER A 401 0.59 4.86 -11.38
CA SER A 401 0.59 4.86 -11.38
C SER A 401 -0.19 6.00 -12.04
C SER A 401 -0.19 6.00 -12.04
N MSE A 402 0.17 7.24 -11.72
CA MSE A 402 -0.52 8.40 -12.28
C MSE A 402 -0.26 8.55 -13.78
O MSE A 402 -1.12 9.04 -14.50
CB MSE A 402 -0.12 9.67 -11.55
CG MSE A 402 -0.64 9.72 -10.11
SE MSE A 402 -0.45 11.46 -9.25
CE MSE A 402 1.43 11.78 -9.63
N ALA A 403 0.91 8.12 -14.25
CA ALA A 403 1.17 8.13 -15.68
C ALA A 403 0.20 7.23 -16.42
N ILE A 404 -0.13 6.08 -15.81
CA ILE A 404 -1.12 5.18 -16.39
C ILE A 404 -2.52 5.78 -16.29
N ASN A 405 -2.88 6.25 -15.10
CA ASN A 405 -4.24 6.75 -14.89
C ASN A 405 -4.49 8.04 -15.65
N ALA A 406 -3.46 8.82 -15.94
CA ALA A 406 -3.62 10.04 -16.74
C ALA A 406 -3.66 9.76 -18.23
N GLY A 407 -3.45 8.52 -18.66
CA GLY A 407 -3.48 8.19 -20.06
C GLY A 407 -2.19 8.47 -20.81
N LEU A 408 -1.11 8.83 -20.11
CA LEU A 408 0.16 9.02 -20.78
C LEU A 408 0.74 7.71 -21.29
N ALA A 409 0.51 6.63 -20.55
CA ALA A 409 1.12 5.34 -20.86
C ALA A 409 0.07 4.35 -21.32
N ASP A 410 0.43 3.56 -22.32
CA ASP A 410 -0.33 2.39 -22.72
C ASP A 410 -0.60 1.51 -21.49
N PRO A 411 -1.85 1.21 -21.16
CA PRO A 411 -2.12 0.38 -19.97
C PRO A 411 -1.45 -0.98 -20.01
N GLU A 412 -1.16 -1.50 -21.20
CA GLU A 412 -0.55 -2.82 -21.33
C GLU A 412 0.97 -2.79 -21.25
N LYS A 413 1.56 -1.63 -21.02
CA LYS A 413 3.01 -1.49 -20.95
C LYS A 413 3.39 -0.96 -19.57
N PRO A 414 4.13 -1.73 -18.77
CA PRO A 414 4.50 -1.27 -17.43
C PRO A 414 5.31 0.02 -17.46
N VAL A 415 5.21 0.79 -16.37
CA VAL A 415 5.87 2.08 -16.24
C VAL A 415 6.84 2.02 -15.06
N ILE A 416 8.07 2.43 -15.29
CA ILE A 416 9.10 2.54 -14.26
C ILE A 416 9.54 3.99 -14.17
N VAL A 417 9.48 4.56 -12.97
CA VAL A 417 9.89 5.94 -12.72
C VAL A 417 11.07 5.93 -11.75
N PHE A 418 12.16 6.61 -12.13
CA PHE A 418 13.36 6.74 -11.33
C PHE A 418 13.53 8.17 -10.88
N ALA A 419 14.01 8.37 -9.64
CA ALA A 419 14.39 9.68 -9.15
C ALA A 419 15.68 9.59 -8.35
N ASP A 420 16.37 10.72 -8.25
CA ASP A 420 17.47 10.83 -7.29
C ASP A 420 16.92 10.66 -5.87
N THR A 421 17.77 10.17 -4.97
CA THR A 421 17.27 9.71 -3.69
C THR A 421 18.16 10.16 -2.53
N ASP A 422 17.51 10.35 -1.37
CA ASP A 422 18.19 10.61 -0.11
C ASP A 422 19.27 9.58 0.17
N GLU A 423 18.98 8.30 -0.11
CA GLU A 423 19.78 7.21 0.43
C GLU A 423 21.22 7.24 -0.05
N ASP A 424 21.46 7.72 -1.27
CA ASP A 424 22.78 7.65 -1.88
C ASP A 424 22.84 8.57 -3.08
N PRO A 425 23.83 9.47 -3.15
CA PRO A 425 23.93 10.36 -4.32
C PRO A 425 24.25 9.62 -5.61
N ASN A 426 24.85 8.44 -5.54
CA ASN A 426 25.16 7.65 -6.72
C ASN A 426 24.04 6.68 -7.11
N LEU A 427 22.91 6.73 -6.42
CA LEU A 427 21.84 5.77 -6.59
C LEU A 427 20.61 6.43 -7.21
N LEU A 428 19.84 5.63 -7.94
CA LEU A 428 18.50 6.01 -8.37
C LEU A 428 17.49 5.10 -7.69
N LYS A 429 16.42 5.69 -7.16
CA LYS A 429 15.31 4.93 -6.61
C LYS A 429 14.21 4.83 -7.67
N GLY A 430 13.81 3.61 -8.00
CA GLY A 430 12.81 3.38 -9.01
C GLY A 430 11.61 2.62 -8.46
N SER A 431 10.46 2.88 -9.07
CA SER A 431 9.24 2.15 -8.77
C SER A 431 8.55 1.78 -10.06
N ALA A 432 8.02 0.57 -10.11
CA ALA A 432 7.35 0.05 -11.30
C ALA A 432 5.88 -0.21 -10.99
N ARG A 433 5.01 0.14 -11.92
CA ARG A 433 3.58 -0.06 -11.77
C ARG A 433 3.00 -0.49 -13.11
N THR A 434 1.92 -1.24 -13.06
CA THR A 434 1.24 -1.67 -14.28
C THR A 434 -0.20 -2.01 -13.93
N THR A 435 -0.90 -2.67 -14.86
CA THR A 435 -2.32 -2.94 -14.76
C THR A 435 -2.58 -4.44 -14.81
N GLU A 436 -3.81 -4.81 -14.47
CA GLU A 436 -4.20 -6.22 -14.55
C GLU A 436 -4.15 -6.74 -15.97
N ARG A 437 -4.50 -5.91 -16.96
CA ARG A 437 -4.45 -6.38 -18.34
C ARG A 437 -3.01 -6.59 -18.80
N ALA A 438 -2.06 -5.84 -18.25
CA ALA A 438 -0.66 -6.11 -18.54
C ALA A 438 -0.20 -7.41 -17.88
N LEU A 439 -0.65 -7.65 -16.65
CA LEU A 439 -0.33 -8.91 -15.97
C LEU A 439 -0.89 -10.11 -16.74
N ALA A 440 -2.02 -9.94 -17.41
CA ALA A 440 -2.58 -11.02 -18.22
C ALA A 440 -1.66 -11.39 -19.37
N LYS A 441 -0.85 -10.43 -19.86
CA LYS A 441 0.11 -10.74 -20.90
C LYS A 441 1.28 -11.56 -20.38
N GLY A 442 1.52 -11.56 -19.07
CA GLY A 442 2.58 -12.35 -18.46
C GLY A 442 3.59 -11.56 -17.66
N TYR A 443 3.55 -10.22 -17.68
CA TYR A 443 4.55 -9.44 -16.95
C TYR A 443 4.44 -9.68 -15.46
N ASN A 444 5.61 -9.67 -14.80
CA ASN A 444 5.72 -9.82 -13.35
C ASN A 444 6.81 -8.83 -12.93
N LEU A 445 6.40 -7.66 -12.44
CA LEU A 445 7.37 -6.59 -12.21
C LEU A 445 8.34 -6.94 -11.10
N GLY A 446 7.85 -7.55 -10.01
CA GLY A 446 8.75 -7.95 -8.93
C GLY A 446 9.85 -8.87 -9.41
N GLU A 447 9.48 -9.89 -10.20
CA GLU A 447 10.48 -10.83 -10.70
C GLU A 447 11.41 -10.17 -11.71
N ALA A 448 10.87 -9.33 -12.59
CA ALA A 448 11.70 -8.67 -13.59
C ALA A 448 12.71 -7.72 -12.93
N LEU A 449 12.27 -6.96 -11.94
CA LEU A 449 13.17 -6.03 -11.27
C LEU A 449 14.21 -6.77 -10.44
N ARG A 450 13.82 -7.87 -9.80
CA ARG A 450 14.79 -8.66 -9.04
C ARG A 450 15.90 -9.18 -9.95
N LYS A 451 15.52 -9.73 -11.10
CA LYS A 451 16.52 -10.31 -12.00
C LYS A 451 17.39 -9.22 -12.63
N ALA A 452 16.79 -8.09 -13.03
CA ALA A 452 17.56 -7.01 -13.61
C ALA A 452 18.52 -6.41 -12.58
N ALA A 453 18.07 -6.30 -11.32
CA ALA A 453 18.94 -5.77 -10.28
C ALA A 453 20.18 -6.63 -10.08
N GLU A 454 20.03 -7.95 -10.20
CA GLU A 454 21.18 -8.85 -10.05
C GLU A 454 22.25 -8.63 -11.12
N LEU A 455 21.90 -7.95 -12.22
CA LEU A 455 22.81 -7.79 -13.34
C LEU A 455 23.41 -6.38 -13.44
N VAL A 456 22.81 -5.39 -12.78
CA VAL A 456 23.30 -4.01 -12.87
C VAL A 456 23.73 -3.52 -11.50
N ASN A 457 24.10 -4.44 -10.61
CA ASN A 457 24.65 -4.09 -9.29
C ASN A 457 23.63 -3.32 -8.46
N GLY A 458 22.37 -3.74 -8.52
CA GLY A 458 21.31 -3.11 -7.75
C GLY A 458 20.53 -4.07 -6.88
N GLU A 459 19.33 -3.66 -6.47
CA GLU A 459 18.47 -4.44 -5.58
C GLU A 459 17.03 -4.12 -5.94
N GLY A 460 16.21 -5.16 -6.13
CA GLY A 460 14.82 -4.93 -6.50
C GLY A 460 13.94 -6.13 -6.22
N GLY A 461 12.64 -5.91 -6.34
CA GLY A 461 11.66 -6.95 -6.12
C GLY A 461 10.31 -6.35 -5.76
N GLY A 462 9.35 -7.25 -5.50
CA GLY A 462 8.04 -6.84 -5.05
C GLY A 462 6.95 -7.67 -5.66
N HIS A 463 5.77 -7.08 -5.74
CA HIS A 463 4.59 -7.74 -6.30
C HIS A 463 4.71 -7.81 -7.82
N ALA A 464 3.85 -8.64 -8.42
CA ALA A 464 3.79 -8.70 -9.88
C ALA A 464 3.32 -7.38 -10.48
N ILE A 465 2.39 -6.71 -9.80
CA ILE A 465 1.80 -5.47 -10.32
C ILE A 465 2.51 -4.22 -9.85
N ALA A 466 3.37 -4.31 -8.84
CA ALA A 466 3.97 -3.13 -8.23
C ALA A 466 5.25 -3.54 -7.54
N ALA A 467 6.38 -2.93 -7.93
CA ALA A 467 7.67 -3.34 -7.44
C ALA A 467 8.62 -2.16 -7.42
N GLY A 468 9.72 -2.31 -6.68
CA GLY A 468 10.70 -1.26 -6.56
C GLY A 468 12.09 -1.78 -6.89
N ILE A 469 13.00 -0.84 -7.13
CA ILE A 469 14.38 -1.19 -7.46
C ILE A 469 15.27 0.01 -7.17
N ARG A 470 16.50 -0.28 -6.78
CA ARG A 470 17.56 0.71 -6.63
C ARG A 470 18.72 0.31 -7.52
N ILE A 471 19.18 1.24 -8.36
CA ILE A 471 20.31 0.96 -9.25
C ILE A 471 21.28 2.13 -9.16
N PRO A 472 22.56 1.89 -9.50
CA PRO A 472 23.48 3.01 -9.64
C PRO A 472 23.05 3.89 -10.80
N ARG A 473 23.15 5.21 -10.60
CA ARG A 473 22.69 6.15 -11.61
C ARG A 473 23.34 5.90 -12.97
N ALA A 474 24.63 5.60 -12.98
CA ALA A 474 25.36 5.45 -14.23
C ALA A 474 24.97 4.20 -15.01
N ARG A 475 24.20 3.29 -14.41
CA ARG A 475 23.76 2.08 -15.08
C ARG A 475 22.35 2.20 -15.64
N LEU A 476 21.80 3.42 -15.69
CA LEU A 476 20.41 3.59 -16.13
C LEU A 476 20.23 3.13 -17.57
N ALA A 477 21.11 3.58 -18.48
CA ALA A 477 20.96 3.20 -19.88
C ALA A 477 21.08 1.70 -20.07
N GLU A 478 22.04 1.06 -19.38
CA GLU A 478 22.14 -0.40 -19.43
C GLU A 478 20.89 -1.05 -18.87
N PHE A 479 20.36 -0.52 -17.76
CA PHE A 479 19.19 -1.11 -17.13
C PHE A 479 17.98 -1.07 -18.05
N ARG A 480 17.79 0.05 -18.77
CA ARG A 480 16.60 0.20 -19.61
C ARG A 480 16.55 -0.88 -20.68
N LYS A 481 17.67 -1.12 -21.36
CA LYS A 481 17.72 -2.20 -22.34
C LYS A 481 17.51 -3.55 -21.68
N LEU A 482 18.08 -3.73 -20.48
CA LEU A 482 18.01 -5.02 -19.80
C LEU A 482 16.59 -5.33 -19.35
N ILE A 483 15.92 -4.38 -18.70
CA ILE A 483 14.58 -4.65 -18.18
C ILE A 483 13.60 -4.83 -19.34
N ASP A 484 13.80 -4.13 -20.46
CA ASP A 484 12.94 -4.34 -21.61
C ASP A 484 13.05 -5.77 -22.11
N LYS A 485 14.28 -6.30 -22.15
CA LYS A 485 14.48 -7.68 -22.60
C LYS A 485 13.90 -8.68 -21.61
N ILE A 486 14.09 -8.44 -20.30
CA ILE A 486 13.60 -9.37 -19.29
C ILE A 486 12.08 -9.39 -19.27
N LEU A 487 11.45 -8.21 -19.32
CA LEU A 487 9.99 -8.16 -19.40
C LEU A 487 9.48 -8.85 -20.66
N GLY A 488 10.19 -8.67 -21.78
CA GLY A 488 9.78 -9.33 -23.02
C GLY A 488 9.82 -10.84 -22.92
N GLU A 489 10.83 -11.37 -22.22
CA GLU A 489 10.93 -12.81 -22.03
C GLU A 489 9.80 -13.36 -21.17
N GLN A 490 9.20 -12.52 -20.31
CA GLN A 490 8.05 -12.97 -19.52
C GLN A 490 6.80 -13.11 -20.38
N VAL A 491 6.72 -12.37 -21.49
CA VAL A 491 5.57 -12.42 -22.37
C VAL A 491 5.47 -13.83 -22.96
N SER A 492 4.44 -14.56 -22.55
CA SER A 492 4.33 -15.97 -22.88
C SER A 492 3.81 -16.17 -24.30
ZN ZN B . 1.58 -4.46 1.82
ZN ZN C . 3.75 -2.06 2.33
ZN ZN D . -11.85 -23.77 -1.54
O3P C5P E . 9.53 1.10 -3.36
P C5P E . 8.15 0.84 -3.92
O1P C5P E . 7.92 1.37 -5.30
O2P C5P E . 7.01 1.15 -2.96
O5' C5P E . 8.10 -0.74 -4.10
C5' C5P E . 6.86 -1.39 -4.37
C4' C5P E . 6.75 -2.72 -3.66
O4' C5P E . 7.94 -3.53 -3.93
C3' C5P E . 6.62 -2.65 -2.13
O3' C5P E . 5.58 -3.54 -1.68
C2' C5P E . 8.00 -3.10 -1.63
O2' C5P E . 7.99 -3.73 -0.36
C1' C5P E . 8.44 -4.07 -2.73
N1 C5P E . 9.91 -4.20 -2.87
C2 C5P E . 10.56 -5.43 -2.63
N3 C5P E . 11.89 -5.55 -2.77
C4 C5P E . 12.64 -4.48 -3.13
C5 C5P E . 12.02 -3.26 -3.37
C6 C5P E . 10.64 -3.13 -3.23
O2 C5P E . 9.89 -6.44 -2.30
N4 C5P E . 13.99 -4.60 -3.26
O3P C5P F . 4.32 -3.37 -1.62
P C5P F . 3.19 -3.06 -0.65
O1P C5P F . 3.59 -2.08 0.42
O2P C5P F . 2.44 -4.25 -0.11
O5' C5P F . 2.11 -2.19 -1.43
C5' C5P F . 1.36 -2.74 -2.51
C4' C5P F . 1.59 -1.94 -3.76
O4' C5P F . 0.80 -2.48 -4.85
C3' C5P F . 1.21 -0.46 -3.65
O3' C5P F . 2.18 0.32 -4.36
C2' C5P F . -0.12 -0.39 -4.39
O2' C5P F . -0.44 0.87 -4.93
C1' C5P F . 0.09 -1.44 -5.47
N1 C5P F . -1.14 -2.00 -6.06
C2 C5P F . -1.43 -1.72 -7.41
N3 C5P F . -2.54 -2.23 -7.99
C4 C5P F . -3.36 -3.02 -7.27
C5 C5P F . -3.07 -3.32 -5.94
C6 C5P F . -1.94 -2.79 -5.34
O2 C5P F . -0.66 -0.98 -8.05
N4 C5P F . -4.46 -3.53 -7.85
O3P C5P G . 0.20 2.43 -2.62
P C5P G . 1.21 3.44 -3.13
O1P C5P G . 1.57 3.29 -4.59
O2P C5P G . 2.38 3.66 -2.21
O5' C5P G . 0.40 4.81 -3.06
C5' C5P G . -0.05 5.32 -1.82
C4' C5P G . -0.90 6.56 -1.99
O4' C5P G . -0.57 7.23 -3.23
C3' C5P G . -2.40 6.33 -2.10
O3' C5P G . -3.02 6.07 -0.85
C2' C5P G . -2.87 7.61 -2.77
O2' C5P G . -3.00 8.66 -1.82
C1' C5P G . -1.70 7.93 -3.69
N1 C5P G . -1.97 7.56 -5.11
C2 C5P G . -2.85 8.34 -5.87
N3 C5P G . -3.09 8.01 -7.17
C4 C5P G . -2.49 6.94 -7.73
C5 C5P G . -1.62 6.16 -6.97
C6 C5P G . -1.35 6.50 -5.65
O2 C5P G . -3.41 9.34 -5.38
N4 C5P G . -2.75 6.63 -9.02
#